data_8SFY
#
_entry.id   8SFY
#
_cell.length_a   77.231
_cell.length_b   77.231
_cell.length_c   164.197
_cell.angle_alpha   90.000
_cell.angle_beta   90.000
_cell.angle_gamma   90.000
#
_symmetry.space_group_name_H-M   'P 41 21 2'
#
loop_
_entity.id
_entity.type
_entity.pdbx_description
1 polymer 'UDP-glycosyltransferase 202A2'
2 non-polymer "URIDINE-5'-DIPHOSPHATE-GLUCOSE"
3 water water
#
_entity_poly.entity_id   1
_entity_poly.type   'polypeptide(L)'
_entity_poly.pdbx_seq_one_letter_code
;MNPETMNENGKSLKILFTALFGPGHLNACLGIGSLLRKRGHQIYFAHFPRHRATIEKHGFLFISLLDYAEPEFPIVDMLP
DIGIIAKFAFERMHKLTPLELFRHASGKHTFAGMVNGSKGENYAMMKIVKEYKPDVCLADYLFNMPWMFTVDCPVIPVKS
VNPIELYNGPPALTGCSIHDPPSVREEIEQLARKSELELESELEKLFAHFNVPLVSYNYAQQLGIYIYPGPLDYKELGSP
KENWVRLDSSIRSTEISNFELPEKLKDKPGKLIYVSMGSLASAVTELLTMILTPLANSPHRFIVSTGPNGDSIKLYDNMW
GDKFINQVALLPKVDLFITHGGSNSLIEGLTAGKPLIAIPQFGDQLDNAQRIADLGLGVRLNLHEFSGEKLLKAIEDVLN
DEKINANVARVSEELKKSDSKDKVISLIEKLARDKKL
;
_entity_poly.pdbx_strand_id   A
#
# COMPACT_ATOMS: atom_id res chain seq x y z
N LYS A 11 1.63 11.34 30.86
CA LYS A 11 0.52 12.26 30.48
C LYS A 11 -0.01 11.85 29.10
N SER A 12 -1.20 12.33 28.75
CA SER A 12 -1.98 11.93 27.55
C SER A 12 -1.78 12.91 26.38
N LEU A 13 -1.64 12.40 25.16
CA LEU A 13 -1.45 13.21 23.93
C LEU A 13 -2.74 13.17 23.08
N LYS A 14 -3.06 14.27 22.43
CA LYS A 14 -4.07 14.29 21.33
C LYS A 14 -3.31 14.08 20.02
N ILE A 15 -3.53 12.94 19.37
CA ILE A 15 -2.84 12.50 18.13
C ILE A 15 -3.87 12.47 17.00
N LEU A 16 -3.60 13.21 15.92
CA LEU A 16 -4.49 13.31 14.75
C LEU A 16 -3.85 12.54 13.57
N PHE A 17 -4.58 11.57 13.04
CA PHE A 17 -4.26 10.84 11.80
C PHE A 17 -5.09 11.37 10.64
N THR A 18 -4.48 11.37 9.46
CA THR A 18 -5.26 11.46 8.19
C THR A 18 -4.54 10.63 7.13
N ALA A 19 -5.16 10.53 5.97
CA ALA A 19 -4.71 9.66 4.87
C ALA A 19 -5.48 10.07 3.63
N LEU A 20 -5.00 9.68 2.44
CA LEU A 20 -5.71 10.00 1.17
C LEU A 20 -7.04 9.25 1.13
N PHE A 21 -7.94 9.67 0.25
CA PHE A 21 -9.32 9.11 0.10
C PHE A 21 -9.23 7.58 0.08
N GLY A 22 -8.59 6.98 -0.89
CA GLY A 22 -8.44 5.52 -0.76
C GLY A 22 -7.86 4.87 -2.00
N PRO A 23 -7.58 3.55 -1.90
CA PRO A 23 -7.46 2.88 -0.60
C PRO A 23 -6.02 2.55 -0.19
N GLY A 24 -5.89 1.86 0.95
CA GLY A 24 -4.63 1.24 1.40
C GLY A 24 -3.88 2.11 2.39
N HIS A 25 -4.15 3.41 2.40
CA HIS A 25 -3.37 4.38 3.21
C HIS A 25 -3.93 4.47 4.65
N LEU A 26 -4.95 3.70 5.00
CA LEU A 26 -5.51 3.75 6.36
C LEU A 26 -4.92 2.66 7.24
N ASN A 27 -4.68 1.45 6.72
CA ASN A 27 -4.31 0.24 7.52
C ASN A 27 -3.09 0.54 8.37
N ALA A 28 -2.09 1.24 7.83
CA ALA A 28 -0.83 1.53 8.57
C ALA A 28 -1.12 2.57 9.64
N CYS A 29 -1.86 3.61 9.26
CA CYS A 29 -2.32 4.63 10.23
C CYS A 29 -3.16 3.92 11.31
N LEU A 30 -4.09 3.03 10.95
CA LEU A 30 -4.97 2.39 11.97
C LEU A 30 -4.08 1.58 12.93
N GLY A 31 -3.04 0.94 12.39
CA GLY A 31 -2.08 0.08 13.10
C GLY A 31 -1.25 0.88 14.09
N ILE A 32 -0.59 1.95 13.65
CA ILE A 32 0.14 2.85 14.58
C ILE A 32 -0.88 3.39 15.58
N GLY A 33 -2.04 3.80 15.07
CA GLY A 33 -3.14 4.28 15.91
C GLY A 33 -3.31 3.39 17.14
N SER A 34 -3.48 2.08 16.92
CA SER A 34 -3.85 1.15 18.01
C SER A 34 -2.74 1.15 19.07
N LEU A 35 -1.48 0.99 18.65
CA LEU A 35 -0.29 1.00 19.54
C LEU A 35 -0.38 2.20 20.48
N LEU A 36 -0.74 3.37 19.93
CA LEU A 36 -0.78 4.66 20.68
C LEU A 36 -1.98 4.68 21.63
N ARG A 37 -3.10 4.09 21.21
CA ARG A 37 -4.35 4.05 22.02
C ARG A 37 -4.05 3.27 23.30
N LYS A 38 -3.35 2.14 23.19
CA LYS A 38 -2.97 1.27 24.33
C LYS A 38 -2.15 2.06 25.38
N ARG A 39 -1.47 3.14 24.97
CA ARG A 39 -0.63 3.99 25.85
C ARG A 39 -1.50 5.10 26.49
N GLY A 40 -2.79 5.17 26.17
CA GLY A 40 -3.75 6.07 26.83
C GLY A 40 -3.87 7.42 26.14
N HIS A 41 -3.51 7.49 24.85
CA HIS A 41 -3.59 8.74 24.04
C HIS A 41 -4.97 8.85 23.41
N GLN A 42 -5.44 10.09 23.20
CA GLN A 42 -6.73 10.40 22.52
C GLN A 42 -6.47 10.40 21.00
N ILE A 43 -6.97 9.41 20.28
CA ILE A 43 -6.65 9.20 18.86
C ILE A 43 -7.79 9.70 17.99
N TYR A 44 -7.51 10.77 17.26
CA TYR A 44 -8.41 11.39 16.26
C TYR A 44 -7.96 10.89 14.87
N PHE A 45 -8.92 10.80 13.96
CA PHE A 45 -8.71 10.39 12.55
C PHE A 45 -9.58 11.28 11.67
N ALA A 46 -8.96 12.18 10.93
CA ALA A 46 -9.63 13.04 9.94
C ALA A 46 -9.63 12.26 8.63
N HIS A 47 -10.81 11.91 8.15
CA HIS A 47 -10.99 11.12 6.90
C HIS A 47 -12.41 11.31 6.35
N PHE A 48 -12.94 10.30 5.68
CA PHE A 48 -14.18 10.41 4.87
C PHE A 48 -15.26 9.54 5.52
N PRO A 49 -16.54 9.97 5.48
CA PRO A 49 -17.65 9.24 6.12
C PRO A 49 -17.63 7.75 5.76
N ARG A 50 -17.22 7.49 4.53
CA ARG A 50 -17.19 6.13 3.97
C ARG A 50 -16.35 5.17 4.83
N HIS A 51 -15.32 5.63 5.53
CA HIS A 51 -14.46 4.76 6.37
C HIS A 51 -14.66 5.09 7.85
N ARG A 52 -15.78 5.70 8.21
CA ARG A 52 -15.99 6.12 9.61
C ARG A 52 -16.10 4.85 10.46
N ALA A 53 -16.83 3.82 10.01
CA ALA A 53 -17.01 2.56 10.76
C ALA A 53 -15.64 1.98 11.14
N THR A 54 -14.75 1.71 10.18
CA THR A 54 -13.47 1.05 10.49
C THR A 54 -12.76 1.89 11.57
N ILE A 55 -12.79 3.22 11.45
CA ILE A 55 -12.02 4.15 12.32
C ILE A 55 -12.61 4.10 13.73
N GLU A 56 -13.93 4.15 13.85
CA GLU A 56 -14.59 4.20 15.18
C GLU A 56 -14.49 2.82 15.83
N LYS A 57 -14.55 1.74 15.04
CA LYS A 57 -14.46 0.36 15.56
C LYS A 57 -13.12 0.14 16.26
N HIS A 58 -12.05 0.84 15.85
CA HIS A 58 -10.71 0.78 16.48
C HIS A 58 -10.64 1.72 17.70
N GLY A 59 -11.75 2.33 18.11
CA GLY A 59 -11.78 3.21 19.30
C GLY A 59 -11.26 4.61 19.01
N PHE A 60 -11.08 4.99 17.75
CA PHE A 60 -10.60 6.34 17.38
C PHE A 60 -11.79 7.26 17.13
N LEU A 61 -11.55 8.56 17.30
CA LEU A 61 -12.56 9.62 17.13
C LEU A 61 -12.51 10.10 15.68
N PHE A 62 -13.61 9.95 14.96
CA PHE A 62 -13.75 10.31 13.53
C PHE A 62 -14.06 11.80 13.37
N ILE A 63 -13.33 12.42 12.47
CA ILE A 63 -13.61 13.81 12.03
C ILE A 63 -13.74 13.73 10.52
N SER A 64 -14.91 14.09 9.99
CA SER A 64 -15.12 14.18 8.52
C SER A 64 -14.34 15.37 8.00
N LEU A 65 -13.35 15.09 7.13
CA LEU A 65 -12.63 16.12 6.33
C LEU A 65 -13.67 17.00 5.63
N LEU A 66 -14.78 16.40 5.19
CA LEU A 66 -15.81 17.04 4.30
C LEU A 66 -16.49 18.18 5.05
N ASP A 67 -16.53 18.11 6.39
CA ASP A 67 -17.23 19.08 7.26
C ASP A 67 -16.32 20.27 7.54
N TYR A 68 -15.07 20.25 7.10
CA TYR A 68 -14.11 21.34 7.40
C TYR A 68 -13.57 21.93 6.10
N ALA A 69 -14.21 21.57 4.99
CA ALA A 69 -13.93 22.11 3.64
C ALA A 69 -14.20 23.62 3.64
N GLU A 70 -13.32 24.38 2.99
CA GLU A 70 -13.57 25.79 2.61
C GLU A 70 -14.61 25.76 1.48
N PRO A 71 -15.59 26.68 1.46
CA PRO A 71 -16.67 26.64 0.47
C PRO A 71 -16.29 26.51 -1.01
N GLU A 72 -15.14 27.05 -1.40
CA GLU A 72 -14.63 26.98 -2.80
C GLU A 72 -14.11 25.57 -3.11
N PHE A 73 -13.81 24.76 -2.11
CA PHE A 73 -13.12 23.47 -2.31
C PHE A 73 -13.80 22.43 -1.45
N PRO A 74 -15.00 21.96 -1.86
CA PRO A 74 -15.79 21.04 -1.04
C PRO A 74 -15.25 19.60 -1.08
N ILE A 75 -14.07 19.44 -1.67
CA ILE A 75 -13.23 18.20 -1.73
C ILE A 75 -13.90 17.17 -2.64
N VAL A 76 -15.19 16.85 -2.46
CA VAL A 76 -15.80 15.69 -3.18
C VAL A 76 -15.78 15.99 -4.68
N ASP A 77 -15.83 17.25 -5.08
CA ASP A 77 -15.84 17.60 -6.51
C ASP A 77 -14.52 17.07 -7.13
N MET A 78 -13.40 17.19 -6.42
CA MET A 78 -12.05 16.97 -7.02
C MET A 78 -11.52 15.57 -6.71
N LEU A 79 -12.27 14.72 -6.00
CA LEU A 79 -11.75 13.36 -5.63
C LEU A 79 -11.57 12.56 -6.91
N PRO A 80 -10.52 11.72 -7.00
CA PRO A 80 -10.30 10.94 -8.20
C PRO A 80 -11.39 9.89 -8.41
N ASP A 81 -11.68 9.60 -9.68
CA ASP A 81 -12.50 8.43 -10.11
C ASP A 81 -11.59 7.21 -10.13
N ILE A 82 -11.25 6.67 -8.97
CA ILE A 82 -10.15 5.66 -8.86
C ILE A 82 -10.64 4.31 -9.39
N GLY A 83 -11.97 4.11 -9.50
CA GLY A 83 -12.54 3.00 -10.27
C GLY A 83 -12.23 3.12 -11.76
N ILE A 84 -12.39 4.31 -12.35
CA ILE A 84 -12.08 4.60 -13.78
C ILE A 84 -10.57 4.39 -14.00
N ILE A 85 -9.75 4.90 -13.09
CA ILE A 85 -8.27 4.85 -13.21
C ILE A 85 -7.84 3.37 -13.17
N ALA A 86 -8.45 2.57 -12.29
CA ALA A 86 -8.14 1.13 -12.14
C ALA A 86 -8.59 0.35 -13.39
N LYS A 87 -9.79 0.63 -13.94
CA LYS A 87 -10.27 -0.08 -15.15
C LYS A 87 -9.29 0.18 -16.30
N PHE A 88 -8.83 1.42 -16.42
CA PHE A 88 -7.84 1.91 -17.41
C PHE A 88 -6.48 1.22 -17.13
N ALA A 89 -6.03 1.23 -15.87
CA ALA A 89 -4.76 0.58 -15.43
C ALA A 89 -4.75 -0.90 -15.82
N PHE A 90 -5.87 -1.62 -15.67
CA PHE A 90 -5.94 -3.06 -15.99
C PHE A 90 -5.71 -3.24 -17.50
N GLU A 91 -6.47 -2.51 -18.34
CA GLU A 91 -6.38 -2.61 -19.82
C GLU A 91 -4.92 -2.42 -20.25
N ARG A 92 -4.32 -1.30 -19.86
CA ARG A 92 -2.90 -0.97 -20.14
C ARG A 92 -1.95 -2.04 -19.59
N MET A 93 -2.18 -2.62 -18.41
CA MET A 93 -1.20 -3.58 -17.84
C MET A 93 -1.30 -4.94 -18.54
N HIS A 94 -2.48 -5.25 -19.08
CA HIS A 94 -2.78 -6.46 -19.90
C HIS A 94 -2.04 -6.34 -21.24
N LYS A 95 -1.98 -5.13 -21.82
CA LYS A 95 -1.51 -4.87 -23.21
C LYS A 95 0.00 -4.61 -23.24
N LEU A 96 0.55 -4.00 -22.18
CA LEU A 96 1.84 -3.26 -22.24
C LEU A 96 2.87 -3.80 -21.24
N THR A 97 4.13 -3.88 -21.69
CA THR A 97 5.31 -4.08 -20.80
C THR A 97 5.39 -2.87 -19.90
N PRO A 98 6.15 -2.95 -18.78
CA PRO A 98 6.39 -1.77 -17.96
C PRO A 98 6.93 -0.58 -18.79
N LEU A 99 7.85 -0.85 -19.71
CA LEU A 99 8.55 0.19 -20.51
C LEU A 99 7.55 0.89 -21.41
N GLU A 100 6.72 0.09 -22.10
CA GLU A 100 5.61 0.57 -22.94
C GLU A 100 4.64 1.37 -22.05
N LEU A 101 4.37 0.88 -20.84
CA LEU A 101 3.47 1.62 -19.93
C LEU A 101 4.03 3.04 -19.73
N PHE A 102 5.35 3.18 -19.51
CA PHE A 102 5.99 4.49 -19.20
C PHE A 102 6.11 5.32 -20.50
N ARG A 103 6.27 4.67 -21.65
CA ARG A 103 6.27 5.35 -22.98
C ARG A 103 4.88 5.88 -23.27
N HIS A 104 3.86 5.03 -23.21
CA HIS A 104 2.46 5.39 -23.53
C HIS A 104 1.95 6.45 -22.53
N ALA A 105 2.48 6.53 -21.31
CA ALA A 105 2.10 7.57 -20.31
C ALA A 105 2.54 8.97 -20.79
N SER A 106 3.74 9.08 -21.39
CA SER A 106 4.20 10.24 -22.20
C SER A 106 4.39 11.48 -21.31
N GLY A 107 5.19 11.34 -20.26
CA GLY A 107 5.45 12.42 -19.28
C GLY A 107 4.42 12.45 -18.16
N LYS A 108 3.21 11.90 -18.36
CA LYS A 108 2.14 11.89 -17.32
C LYS A 108 2.58 10.95 -16.18
N HIS A 109 2.57 11.47 -14.96
CA HIS A 109 3.02 10.71 -13.76
C HIS A 109 1.85 9.92 -13.18
N THR A 110 2.16 8.77 -12.57
CA THR A 110 1.17 7.85 -11.95
C THR A 110 0.14 8.60 -11.08
N PHE A 111 0.51 9.62 -10.29
CA PHE A 111 -0.41 10.27 -9.33
C PHE A 111 -0.27 11.81 -9.26
N ALA A 112 0.41 12.45 -10.23
CA ALA A 112 0.59 13.92 -10.25
C ALA A 112 -0.75 14.61 -10.60
N GLY A 113 -1.63 13.94 -11.35
CA GLY A 113 -2.99 14.41 -11.66
C GLY A 113 -3.80 14.66 -10.38
N MET A 114 -3.47 13.98 -9.28
CA MET A 114 -4.18 14.02 -7.97
C MET A 114 -3.77 15.25 -7.13
N VAL A 115 -2.73 15.95 -7.55
CA VAL A 115 -2.06 17.03 -6.77
C VAL A 115 -2.93 18.28 -6.74
N ASN A 116 -3.32 18.81 -7.90
CA ASN A 116 -4.19 20.02 -8.03
C ASN A 116 -5.47 19.75 -7.22
N GLY A 117 -5.99 18.52 -7.29
CA GLY A 117 -7.22 18.10 -6.60
C GLY A 117 -7.14 18.15 -5.09
N SER A 118 -5.96 18.30 -4.50
CA SER A 118 -5.86 18.09 -3.05
C SER A 118 -5.96 19.41 -2.28
N LYS A 119 -6.32 20.52 -2.94
CA LYS A 119 -6.40 21.85 -2.27
C LYS A 119 -7.42 21.82 -1.14
N GLY A 120 -8.61 21.26 -1.40
CA GLY A 120 -9.71 21.20 -0.41
C GLY A 120 -9.30 20.46 0.85
N GLU A 121 -8.67 19.29 0.71
CA GLU A 121 -8.14 18.46 1.82
C GLU A 121 -7.15 19.29 2.65
N ASN A 122 -6.37 20.13 1.96
CA ASN A 122 -5.32 20.94 2.62
C ASN A 122 -6.00 21.98 3.53
N TYR A 123 -7.02 22.66 3.00
CA TYR A 123 -7.78 23.69 3.76
C TYR A 123 -8.45 23.04 4.97
N ALA A 124 -8.99 21.83 4.80
CA ALA A 124 -9.75 21.14 5.85
C ALA A 124 -8.78 20.77 6.99
N MET A 125 -7.65 20.15 6.65
CA MET A 125 -6.64 19.74 7.66
C MET A 125 -6.15 20.99 8.40
N MET A 126 -5.99 22.10 7.69
CA MET A 126 -5.60 23.40 8.28
C MET A 126 -6.59 23.79 9.38
N LYS A 127 -7.89 23.77 9.09
CA LYS A 127 -8.96 24.13 10.04
C LYS A 127 -9.06 23.09 11.18
N ILE A 128 -8.93 21.81 10.85
CA ILE A 128 -9.07 20.70 11.83
C ILE A 128 -7.94 20.79 12.85
N VAL A 129 -6.70 21.00 12.44
CA VAL A 129 -5.56 21.09 13.40
C VAL A 129 -5.79 22.34 14.26
N LYS A 130 -6.27 23.42 13.66
CA LYS A 130 -6.42 24.72 14.34
C LYS A 130 -7.48 24.58 15.43
N GLU A 131 -8.57 23.86 15.18
CA GLU A 131 -9.69 23.74 16.14
C GLU A 131 -9.30 22.69 17.19
N TYR A 132 -8.80 21.53 16.77
CA TYR A 132 -8.63 20.35 17.65
C TYR A 132 -7.26 20.39 18.35
N LYS A 133 -6.34 21.26 17.92
CA LYS A 133 -4.97 21.45 18.47
C LYS A 133 -4.32 20.13 18.86
N PRO A 134 -4.11 19.19 17.94
CA PRO A 134 -3.33 18.00 18.25
C PRO A 134 -1.89 18.34 18.68
N ASP A 135 -1.29 17.43 19.43
CA ASP A 135 0.10 17.48 19.90
C ASP A 135 1.01 17.01 18.78
N VAL A 136 0.45 16.20 17.90
CA VAL A 136 1.18 15.69 16.72
C VAL A 136 0.14 15.17 15.75
N CYS A 137 0.48 15.25 14.47
CA CYS A 137 -0.29 14.72 13.34
C CYS A 137 0.54 13.65 12.65
N LEU A 138 -0.11 12.61 12.16
CA LEU A 138 0.47 11.65 11.20
C LEU A 138 -0.44 11.61 9.98
N ALA A 139 0.12 11.54 8.78
CA ALA A 139 -0.61 11.56 7.49
C ALA A 139 -0.01 10.52 6.53
N ASP A 140 -0.83 9.62 5.98
CA ASP A 140 -0.37 8.69 4.90
C ASP A 140 -0.89 9.21 3.56
N TYR A 141 -0.05 9.93 2.85
CA TYR A 141 -0.39 10.55 1.54
C TYR A 141 0.57 9.97 0.50
N LEU A 142 0.30 10.23 -0.77
CA LEU A 142 1.20 9.82 -1.87
C LEU A 142 2.25 10.90 -2.09
N PHE A 143 2.01 12.11 -1.58
CA PHE A 143 2.93 13.27 -1.65
C PHE A 143 2.64 14.20 -0.45
N ASN A 144 3.63 14.98 -0.04
CA ASN A 144 3.46 16.00 1.02
C ASN A 144 2.49 17.10 0.61
N MET A 145 1.76 17.62 1.60
CA MET A 145 0.79 18.72 1.41
C MET A 145 1.23 19.91 2.26
N PRO A 146 0.95 21.14 1.75
CA PRO A 146 1.41 22.35 2.42
C PRO A 146 1.04 22.51 3.91
N TRP A 147 -0.12 22.00 4.31
CA TRP A 147 -0.62 22.08 5.71
C TRP A 147 0.41 21.47 6.67
N MET A 148 1.07 20.41 6.22
CA MET A 148 2.06 19.65 7.02
C MET A 148 3.23 20.55 7.43
N PHE A 149 3.39 21.73 6.81
CA PHE A 149 4.51 22.66 7.14
C PHE A 149 4.00 23.98 7.72
N THR A 150 2.68 24.20 7.79
CA THR A 150 2.09 25.47 8.30
C THR A 150 1.47 25.28 9.68
N VAL A 151 1.08 24.05 10.03
CA VAL A 151 0.30 23.82 11.29
C VAL A 151 1.26 23.95 12.47
N ASP A 152 0.70 24.31 13.62
CA ASP A 152 1.43 24.72 14.85
C ASP A 152 1.73 23.48 15.70
N CYS A 153 1.92 22.32 15.06
CA CYS A 153 2.42 21.09 15.74
C CYS A 153 3.27 20.29 14.77
N PRO A 154 4.08 19.34 15.28
CA PRO A 154 4.91 18.50 14.43
C PRO A 154 4.00 17.61 13.59
N VAL A 155 4.45 17.24 12.37
CA VAL A 155 3.69 16.39 11.43
C VAL A 155 4.60 15.29 10.86
N ILE A 156 4.16 14.04 11.00
CA ILE A 156 4.94 12.83 10.64
C ILE A 156 4.32 12.27 9.38
N PRO A 157 5.01 12.33 8.21
CA PRO A 157 4.55 11.59 7.04
C PRO A 157 4.68 10.09 7.36
N VAL A 158 3.65 9.35 6.98
CA VAL A 158 3.55 7.87 7.19
C VAL A 158 3.50 7.24 5.80
N LYS A 159 4.49 6.43 5.45
CA LYS A 159 4.60 5.78 4.12
C LYS A 159 4.28 4.31 4.25
N SER A 160 3.31 3.84 3.46
CA SER A 160 2.90 2.43 3.38
C SER A 160 3.21 1.89 1.98
N VAL A 161 3.42 2.77 1.01
CA VAL A 161 3.78 2.31 -0.36
C VAL A 161 5.18 1.69 -0.27
N ASN A 162 5.57 0.90 -1.27
CA ASN A 162 6.98 0.44 -1.40
C ASN A 162 7.91 1.62 -1.17
N PRO A 163 8.91 1.52 -0.27
CA PRO A 163 9.72 2.68 0.10
C PRO A 163 10.96 2.93 -0.75
N ILE A 164 11.03 2.34 -1.95
CA ILE A 164 12.22 2.55 -2.83
C ILE A 164 12.33 4.04 -3.16
N GLU A 165 11.22 4.76 -3.14
CA GLU A 165 11.23 6.24 -3.37
C GLU A 165 12.02 6.98 -2.27
N LEU A 166 12.35 6.38 -1.13
CA LEU A 166 13.08 7.06 -0.04
C LEU A 166 14.60 6.97 -0.24
N TYR A 167 15.07 6.36 -1.33
CA TYR A 167 16.51 6.11 -1.60
C TYR A 167 16.98 6.81 -2.87
N ASN A 168 18.29 7.01 -3.00
CA ASN A 168 18.93 7.54 -4.24
C ASN A 168 19.29 6.38 -5.16
N GLY A 169 18.32 5.57 -5.58
CA GLY A 169 18.57 4.39 -6.43
C GLY A 169 17.68 4.40 -7.67
N PRO A 170 17.23 3.23 -8.15
CA PRO A 170 16.35 3.21 -9.29
C PRO A 170 15.04 3.89 -8.89
N PRO A 171 14.39 4.61 -9.82
CA PRO A 171 13.13 5.27 -9.49
C PRO A 171 12.05 4.27 -9.07
N ALA A 172 11.16 4.72 -8.18
CA ALA A 172 9.90 4.01 -7.87
C ALA A 172 9.09 3.81 -9.16
N LEU A 173 8.18 2.83 -9.09
CA LEU A 173 7.03 2.58 -10.00
C LEU A 173 7.51 1.83 -11.23
N THR A 174 8.80 1.51 -11.33
CA THR A 174 9.42 0.86 -12.53
C THR A 174 9.37 -0.66 -12.37
N GLY A 175 9.35 -1.18 -11.15
CA GLY A 175 9.48 -2.65 -10.95
C GLY A 175 10.85 -3.17 -11.38
N CYS A 176 11.86 -2.33 -11.26
CA CYS A 176 13.27 -2.72 -11.56
C CYS A 176 13.74 -3.86 -10.64
N SER A 177 14.36 -4.89 -11.21
CA SER A 177 15.04 -5.97 -10.45
C SER A 177 16.45 -5.52 -10.08
N ILE A 178 16.96 -6.04 -8.96
CA ILE A 178 18.37 -5.83 -8.54
C ILE A 178 19.29 -6.50 -9.56
N HIS A 179 18.75 -7.44 -10.34
CA HIS A 179 19.48 -8.20 -11.39
C HIS A 179 19.47 -7.45 -12.74
N ASP A 180 18.69 -6.35 -12.85
CA ASP A 180 18.55 -5.60 -14.12
C ASP A 180 19.81 -4.78 -14.30
N PRO A 181 20.62 -5.08 -15.35
CA PRO A 181 21.80 -4.29 -15.68
C PRO A 181 21.43 -2.85 -16.01
N PRO A 182 22.23 -1.86 -15.60
CA PRO A 182 22.01 -0.44 -15.93
C PRO A 182 21.56 -0.11 -17.36
N SER A 183 22.16 -0.76 -18.36
CA SER A 183 21.87 -0.51 -19.80
C SER A 183 20.42 -0.89 -20.13
N VAL A 184 19.91 -1.97 -19.52
CA VAL A 184 18.54 -2.52 -19.74
C VAL A 184 17.50 -1.55 -19.17
N ARG A 185 17.76 -0.94 -18.01
CA ARG A 185 16.74 -0.12 -17.31
C ARG A 185 16.87 1.36 -17.70
N GLU A 186 17.99 1.75 -18.32
CA GLU A 186 18.30 3.14 -18.74
C GLU A 186 17.05 3.87 -19.25
N GLU A 187 16.34 3.26 -20.19
CA GLU A 187 15.23 3.92 -20.91
C GLU A 187 14.06 4.08 -19.95
N ILE A 188 13.62 3.00 -19.28
CA ILE A 188 12.40 3.08 -18.43
C ILE A 188 12.66 4.11 -17.33
N GLU A 189 13.92 4.21 -16.89
CA GLU A 189 14.29 5.06 -15.72
C GLU A 189 14.32 6.52 -16.19
N GLN A 190 14.77 6.77 -17.42
CA GLN A 190 14.67 8.12 -18.00
C GLN A 190 13.20 8.53 -18.02
N LEU A 191 12.33 7.63 -18.48
CA LEU A 191 10.87 7.93 -18.57
C LEU A 191 10.34 8.17 -17.15
N ALA A 192 10.78 7.37 -16.19
CA ALA A 192 10.30 7.48 -14.79
C ALA A 192 10.77 8.81 -14.20
N ARG A 193 12.04 9.17 -14.40
CA ARG A 193 12.55 10.46 -13.88
C ARG A 193 11.80 11.62 -14.57
N LYS A 194 11.49 11.53 -15.86
CA LYS A 194 10.79 12.62 -16.58
C LYS A 194 9.42 12.84 -15.91
N SER A 195 8.64 11.79 -15.71
CA SER A 195 7.33 11.94 -15.04
C SER A 195 7.51 12.36 -13.56
N GLU A 196 8.62 12.04 -12.89
CA GLU A 196 8.89 12.55 -11.52
C GLU A 196 8.89 14.08 -11.54
N LEU A 197 9.41 14.69 -12.60
CA LEU A 197 9.46 16.17 -12.74
C LEU A 197 8.07 16.77 -13.00
N GLU A 198 7.18 16.07 -13.71
CA GLU A 198 5.77 16.50 -13.79
C GLU A 198 5.17 16.53 -12.37
N LEU A 199 5.58 15.63 -11.46
CA LEU A 199 5.06 15.62 -10.07
C LEU A 199 5.63 16.82 -9.32
N GLU A 200 6.94 17.07 -9.42
CA GLU A 200 7.58 18.27 -8.82
C GLU A 200 6.88 19.53 -9.35
N SER A 201 6.64 19.58 -10.64
CA SER A 201 5.98 20.72 -11.32
C SER A 201 4.56 20.92 -10.76
N GLU A 202 3.78 19.87 -10.53
CA GLU A 202 2.40 20.03 -9.96
C GLU A 202 2.52 20.47 -8.49
N LEU A 203 3.43 19.85 -7.74
CA LEU A 203 3.64 20.13 -6.30
C LEU A 203 4.03 21.60 -6.12
N GLU A 204 4.94 22.10 -6.95
CA GLU A 204 5.34 23.52 -7.00
C GLU A 204 4.07 24.38 -7.03
N LYS A 205 3.10 24.04 -7.88
CA LYS A 205 1.82 24.82 -8.02
C LYS A 205 0.99 24.72 -6.74
N LEU A 206 0.93 23.53 -6.10
CA LEU A 206 0.06 23.30 -4.92
C LEU A 206 0.61 24.12 -3.75
N PHE A 207 1.93 24.18 -3.64
CA PHE A 207 2.64 24.80 -2.51
C PHE A 207 2.64 26.31 -2.68
N ALA A 208 2.76 26.80 -3.92
CA ALA A 208 2.75 28.25 -4.26
C ALA A 208 1.36 28.80 -3.94
N HIS A 209 0.33 27.98 -4.17
CA HIS A 209 -1.07 28.38 -3.95
C HIS A 209 -1.25 28.71 -2.47
N PHE A 210 -0.56 27.97 -1.59
CA PHE A 210 -0.72 28.06 -0.11
C PHE A 210 0.39 28.94 0.50
N ASN A 211 1.29 29.46 -0.34
CA ASN A 211 2.38 30.38 0.08
C ASN A 211 3.32 29.62 1.03
N VAL A 212 3.81 28.47 0.61
CA VAL A 212 4.63 27.56 1.46
C VAL A 212 5.87 27.21 0.65
N PRO A 213 7.09 27.39 1.19
CA PRO A 213 8.31 26.95 0.52
C PRO A 213 8.20 25.49 0.06
N LEU A 214 8.45 25.26 -1.23
CA LEU A 214 8.37 23.92 -1.87
C LEU A 214 9.38 23.00 -1.18
N VAL A 215 9.03 21.73 -1.03
CA VAL A 215 9.92 20.65 -0.51
C VAL A 215 9.66 19.44 -1.40
N SER A 216 10.60 18.50 -1.44
CA SER A 216 10.39 17.16 -2.02
C SER A 216 9.06 16.55 -1.50
N TYR A 217 8.37 15.81 -2.35
CA TYR A 217 7.08 15.15 -2.03
C TYR A 217 7.18 14.15 -0.87
N ASN A 218 8.38 13.65 -0.54
CA ASN A 218 8.55 12.65 0.55
C ASN A 218 9.62 13.15 1.54
N TYR A 219 9.82 14.46 1.62
CA TYR A 219 10.63 15.12 2.69
C TYR A 219 9.94 14.95 4.06
N ALA A 220 10.72 14.65 5.09
CA ALA A 220 10.24 14.57 6.48
C ALA A 220 10.98 15.64 7.29
N GLN A 221 10.26 16.67 7.74
CA GLN A 221 10.83 17.83 8.46
C GLN A 221 11.57 17.31 9.70
N GLN A 222 10.97 16.38 10.45
CA GLN A 222 11.54 15.94 11.75
C GLN A 222 11.50 14.41 11.87
N LEU A 223 10.39 13.78 11.52
CA LEU A 223 10.24 12.30 11.60
C LEU A 223 9.34 11.83 10.48
N GLY A 224 9.78 10.81 9.75
CA GLY A 224 8.96 10.03 8.81
C GLY A 224 8.96 8.56 9.19
N ILE A 225 7.81 7.89 9.12
CA ILE A 225 7.73 6.43 9.41
C ILE A 225 7.31 5.71 8.13
N TYR A 226 8.18 4.86 7.60
CA TYR A 226 7.84 3.92 6.49
C TYR A 226 7.59 2.55 7.11
N ILE A 227 6.53 1.90 6.66
CA ILE A 227 6.23 0.50 7.08
C ILE A 227 6.70 -0.47 5.99
N TYR A 228 7.74 -1.22 6.28
CA TYR A 228 8.23 -2.26 5.35
C TYR A 228 9.05 -3.22 6.16
N PRO A 229 9.04 -4.52 5.85
CA PRO A 229 9.86 -5.46 6.59
C PRO A 229 11.34 -5.13 6.39
N GLY A 230 12.09 -5.12 7.50
CA GLY A 230 13.55 -4.96 7.49
C GLY A 230 14.19 -5.84 6.41
N PRO A 231 13.91 -7.16 6.40
CA PRO A 231 14.57 -8.06 5.45
C PRO A 231 14.19 -7.79 3.98
N LEU A 232 13.16 -6.98 3.72
CA LEU A 232 12.88 -6.55 2.33
C LEU A 232 13.41 -5.13 2.08
N ASP A 233 13.85 -4.41 3.10
CA ASP A 233 14.13 -2.95 2.94
C ASP A 233 15.36 -2.84 2.02
N TYR A 234 15.57 -1.68 1.38
CA TYR A 234 16.57 -1.51 0.30
C TYR A 234 17.94 -1.17 0.90
N LYS A 235 18.48 -2.05 1.73
CA LYS A 235 19.78 -1.84 2.39
C LYS A 235 20.90 -1.79 1.34
N GLU A 236 20.72 -2.39 0.15
CA GLU A 236 21.73 -2.30 -0.94
C GLU A 236 21.82 -0.85 -1.47
N LEU A 237 20.82 0.01 -1.23
CA LEU A 237 20.83 1.42 -1.72
C LEU A 237 21.33 2.36 -0.62
N GLY A 238 21.69 1.79 0.53
CA GLY A 238 22.22 2.56 1.67
C GLY A 238 21.09 2.88 2.62
N SER A 239 20.98 4.14 3.04
CA SER A 239 20.01 4.60 4.07
C SER A 239 18.90 5.36 3.37
N PRO A 240 17.65 5.31 3.89
CA PRO A 240 16.58 6.16 3.37
C PRO A 240 16.84 7.67 3.63
N LYS A 241 16.08 8.52 2.98
CA LYS A 241 16.15 10.01 3.11
C LYS A 241 16.13 10.43 4.59
N GLU A 242 16.62 11.64 4.85
CA GLU A 242 16.82 12.21 6.20
C GLU A 242 15.54 12.05 7.04
N ASN A 243 15.65 11.48 8.22
CA ASN A 243 14.64 11.51 9.30
C ASN A 243 13.59 10.42 9.12
N TRP A 244 13.70 9.60 8.07
CA TRP A 244 12.79 8.46 7.85
C TRP A 244 13.26 7.30 8.73
N VAL A 245 12.33 6.74 9.51
CA VAL A 245 12.56 5.56 10.39
C VAL A 245 11.66 4.41 9.93
N ARG A 246 12.22 3.20 9.88
CA ARG A 246 11.45 2.00 9.49
C ARG A 246 10.69 1.44 10.70
N LEU A 247 9.40 1.21 10.51
CA LEU A 247 8.52 0.31 11.30
C LEU A 247 8.32 -0.95 10.43
N ASP A 248 8.73 -2.10 10.91
CA ASP A 248 8.69 -3.41 10.18
C ASP A 248 7.26 -3.78 9.73
N SER A 249 6.23 -3.54 10.55
CA SER A 249 4.80 -3.83 10.27
C SER A 249 3.93 -2.97 11.18
N SER A 250 2.74 -2.56 10.70
CA SER A 250 1.75 -1.76 11.48
C SER A 250 0.86 -2.73 12.27
N ILE A 251 0.02 -3.46 11.53
CA ILE A 251 -0.84 -4.60 11.97
C ILE A 251 -0.42 -5.05 13.39
N SER A 257 -9.47 -12.75 14.85
CA SER A 257 -10.30 -13.86 15.40
C SER A 257 -9.82 -15.19 14.84
N ASN A 258 -10.76 -16.11 14.53
CA ASN A 258 -10.51 -17.46 13.97
C ASN A 258 -11.03 -17.52 12.52
N PHE A 259 -10.73 -18.60 11.78
CA PHE A 259 -11.22 -18.87 10.41
C PHE A 259 -11.61 -20.35 10.26
N GLU A 260 -12.88 -20.62 9.95
CA GLU A 260 -13.36 -21.98 9.64
C GLU A 260 -13.31 -22.20 8.12
N LEU A 261 -12.63 -23.26 7.70
CA LEU A 261 -12.43 -23.61 6.26
C LEU A 261 -13.77 -23.99 5.67
N PRO A 262 -14.08 -23.56 4.43
CA PRO A 262 -15.40 -23.78 3.84
C PRO A 262 -15.69 -25.28 3.72
N GLU A 263 -16.95 -25.67 3.87
CA GLU A 263 -17.41 -27.07 3.69
C GLU A 263 -17.08 -27.50 2.25
N LYS A 264 -17.26 -26.61 1.27
CA LYS A 264 -17.06 -26.92 -0.17
C LYS A 264 -15.61 -27.37 -0.46
N LEU A 265 -14.63 -26.84 0.26
CA LEU A 265 -13.20 -27.15 0.00
C LEU A 265 -12.76 -28.34 0.84
N LYS A 266 -13.55 -28.72 1.84
CA LYS A 266 -13.33 -29.96 2.62
C LYS A 266 -13.46 -31.16 1.65
N ASP A 267 -12.43 -32.02 1.62
CA ASP A 267 -12.40 -33.27 0.82
C ASP A 267 -12.22 -32.93 -0.67
N LYS A 268 -11.54 -31.82 -0.96
CA LYS A 268 -11.03 -31.49 -2.32
C LYS A 268 -9.50 -31.67 -2.30
N PRO A 269 -8.88 -32.05 -3.43
CA PRO A 269 -7.44 -32.32 -3.47
C PRO A 269 -6.58 -31.05 -3.31
N GLY A 270 -5.33 -31.23 -2.83
CA GLY A 270 -4.23 -30.24 -2.94
C GLY A 270 -4.07 -29.35 -1.72
N LYS A 271 -3.25 -28.31 -1.85
CA LYS A 271 -2.94 -27.32 -0.79
C LYS A 271 -3.94 -26.16 -0.92
N LEU A 272 -3.95 -25.24 0.05
CA LEU A 272 -4.98 -24.17 0.14
C LEU A 272 -4.34 -22.85 -0.29
N ILE A 273 -4.90 -22.25 -1.33
CA ILE A 273 -4.34 -21.03 -1.97
C ILE A 273 -5.37 -19.93 -1.79
N TYR A 274 -4.95 -18.82 -1.19
CA TYR A 274 -5.74 -17.57 -1.10
C TYR A 274 -5.42 -16.74 -2.34
N VAL A 275 -6.47 -16.25 -3.02
CA VAL A 275 -6.37 -15.29 -4.15
C VAL A 275 -7.05 -13.98 -3.74
N SER A 276 -6.40 -12.84 -3.94
CA SER A 276 -6.98 -11.50 -3.70
C SER A 276 -6.15 -10.49 -4.47
N MET A 277 -6.81 -9.74 -5.35
CA MET A 277 -6.17 -8.71 -6.18
C MET A 277 -6.44 -7.35 -5.56
N GLY A 278 -6.95 -7.32 -4.32
CA GLY A 278 -7.29 -6.07 -3.61
C GLY A 278 -8.68 -5.57 -3.99
N SER A 279 -9.30 -4.77 -3.12
CA SER A 279 -10.65 -4.17 -3.28
C SER A 279 -10.80 -3.50 -4.65
N LEU A 280 -9.76 -2.80 -5.11
CA LEU A 280 -9.90 -1.86 -6.24
C LEU A 280 -9.73 -2.57 -7.59
N ALA A 281 -8.66 -3.34 -7.79
CA ALA A 281 -8.43 -4.01 -9.08
C ALA A 281 -9.48 -5.11 -9.26
N SER A 282 -10.00 -5.69 -8.16
CA SER A 282 -11.02 -6.78 -8.16
C SER A 282 -12.33 -6.33 -8.82
N ALA A 283 -12.69 -5.06 -8.66
CA ALA A 283 -13.90 -4.42 -9.22
C ALA A 283 -13.91 -4.61 -10.75
N VAL A 284 -12.73 -4.64 -11.38
CA VAL A 284 -12.55 -5.06 -12.80
C VAL A 284 -12.70 -6.58 -12.84
N THR A 285 -13.90 -7.05 -13.13
CA THR A 285 -14.26 -8.49 -13.14
C THR A 285 -13.34 -9.26 -14.07
N GLU A 286 -12.96 -8.67 -15.21
CA GLU A 286 -12.11 -9.35 -16.21
C GLU A 286 -10.84 -9.85 -15.52
N LEU A 287 -10.34 -9.13 -14.50
CA LEU A 287 -9.05 -9.46 -13.83
C LEU A 287 -9.17 -10.80 -13.13
N LEU A 288 -10.16 -10.93 -12.24
CA LEU A 288 -10.40 -12.19 -11.47
C LEU A 288 -10.79 -13.30 -12.43
N THR A 289 -11.60 -13.02 -13.46
CA THR A 289 -12.05 -14.04 -14.45
C THR A 289 -10.85 -14.64 -15.19
N MET A 290 -9.85 -13.83 -15.57
CA MET A 290 -8.70 -14.34 -16.36
C MET A 290 -7.73 -15.11 -15.44
N ILE A 291 -7.71 -14.81 -14.12
CA ILE A 291 -6.93 -15.58 -13.11
C ILE A 291 -7.68 -16.87 -12.75
N LEU A 292 -8.99 -16.81 -12.47
CA LEU A 292 -9.69 -17.97 -11.87
C LEU A 292 -9.98 -19.02 -12.95
N THR A 293 -10.28 -18.61 -14.19
CA THR A 293 -10.62 -19.51 -15.33
C THR A 293 -9.64 -20.68 -15.41
N PRO A 294 -8.31 -20.45 -15.55
CA PRO A 294 -7.35 -21.55 -15.62
C PRO A 294 -7.15 -22.37 -14.31
N LEU A 295 -7.46 -21.78 -13.16
CA LEU A 295 -7.23 -22.42 -11.83
C LEU A 295 -8.25 -23.53 -11.57
N ALA A 296 -9.35 -23.57 -12.33
CA ALA A 296 -10.33 -24.69 -12.37
C ALA A 296 -9.61 -26.04 -12.42
N ASN A 297 -8.60 -26.18 -13.29
CA ASN A 297 -7.89 -27.46 -13.52
C ASN A 297 -6.55 -27.45 -12.79
N SER A 298 -6.35 -26.52 -11.84
CA SER A 298 -5.22 -26.54 -10.88
C SER A 298 -5.61 -27.44 -9.72
N PRO A 299 -4.78 -28.45 -9.39
CA PRO A 299 -5.19 -29.52 -8.48
C PRO A 299 -5.04 -29.08 -7.02
N HIS A 300 -5.72 -28.00 -6.67
CA HIS A 300 -5.56 -27.28 -5.37
C HIS A 300 -6.91 -26.66 -4.99
N ARG A 301 -6.98 -26.18 -3.74
CA ARG A 301 -8.18 -25.53 -3.17
C ARG A 301 -7.88 -24.03 -3.06
N PHE A 302 -8.80 -23.19 -3.52
CA PHE A 302 -8.66 -21.72 -3.57
C PHE A 302 -9.75 -21.06 -2.72
N ILE A 303 -9.36 -20.16 -1.82
CA ILE A 303 -10.29 -19.18 -1.19
C ILE A 303 -10.08 -17.88 -1.95
N VAL A 304 -11.17 -17.27 -2.40
CA VAL A 304 -11.07 -16.10 -3.31
C VAL A 304 -11.75 -14.91 -2.66
N SER A 305 -11.03 -13.81 -2.48
CA SER A 305 -11.59 -12.45 -2.28
C SER A 305 -12.10 -11.94 -3.62
N THR A 306 -13.42 -11.95 -3.82
CA THR A 306 -14.14 -11.78 -5.12
C THR A 306 -14.41 -10.28 -5.40
N GLY A 307 -14.14 -9.40 -4.42
CA GLY A 307 -14.23 -7.94 -4.55
C GLY A 307 -15.67 -7.42 -4.50
N PRO A 308 -15.88 -6.11 -4.75
CA PRO A 308 -17.17 -5.48 -4.55
C PRO A 308 -18.21 -6.01 -5.55
N ASN A 309 -17.76 -6.46 -6.73
CA ASN A 309 -18.65 -7.04 -7.78
C ASN A 309 -18.46 -8.57 -7.85
N GLY A 310 -18.17 -9.19 -6.70
CA GLY A 310 -17.90 -10.64 -6.55
C GLY A 310 -19.07 -11.55 -6.91
N ASP A 311 -20.29 -11.04 -6.79
CA ASP A 311 -21.54 -11.73 -7.19
C ASP A 311 -21.41 -12.34 -8.59
N SER A 312 -20.74 -11.66 -9.51
CA SER A 312 -20.71 -12.09 -10.94
C SER A 312 -19.39 -12.80 -11.25
N ILE A 313 -18.58 -13.11 -10.23
CA ILE A 313 -17.34 -13.92 -10.42
C ILE A 313 -17.71 -15.39 -10.46
N LYS A 314 -17.30 -16.08 -11.51
CA LYS A 314 -17.46 -17.55 -11.66
C LYS A 314 -16.40 -18.25 -10.78
N LEU A 315 -16.86 -19.00 -9.78
CA LEU A 315 -16.05 -19.87 -8.90
C LEU A 315 -16.36 -21.33 -9.26
N TYR A 316 -15.34 -22.19 -9.37
CA TYR A 316 -15.47 -23.62 -9.75
C TYR A 316 -15.41 -24.48 -8.49
N ASP A 317 -15.46 -25.81 -8.65
CA ASP A 317 -15.69 -26.77 -7.54
C ASP A 317 -14.50 -26.73 -6.56
N ASN A 318 -13.34 -26.23 -7.00
CA ASN A 318 -12.08 -26.21 -6.20
C ASN A 318 -11.89 -24.84 -5.55
N MET A 319 -12.92 -23.99 -5.51
CA MET A 319 -12.81 -22.61 -4.96
C MET A 319 -14.01 -22.30 -4.05
N TRP A 320 -13.78 -21.34 -3.15
CA TRP A 320 -14.83 -20.69 -2.32
C TRP A 320 -14.48 -19.20 -2.24
N GLY A 321 -15.49 -18.34 -2.24
CA GLY A 321 -15.29 -16.89 -2.29
C GLY A 321 -16.30 -16.14 -1.45
N ASP A 322 -15.85 -15.01 -0.93
CA ASP A 322 -16.73 -13.96 -0.34
C ASP A 322 -16.17 -12.62 -0.80
N LYS A 323 -17.00 -11.59 -0.91
CA LYS A 323 -16.61 -10.24 -1.40
C LYS A 323 -15.42 -9.74 -0.58
N PHE A 324 -15.54 -9.73 0.75
CA PHE A 324 -14.49 -9.35 1.70
C PHE A 324 -14.22 -10.56 2.63
N ILE A 325 -12.94 -10.88 2.81
CA ILE A 325 -12.43 -12.04 3.61
C ILE A 325 -11.78 -11.46 4.87
N ASN A 326 -11.79 -12.19 5.98
CA ASN A 326 -10.92 -11.87 7.14
C ASN A 326 -9.51 -12.32 6.76
N GLN A 327 -8.79 -11.52 5.99
CA GLN A 327 -7.50 -11.92 5.33
C GLN A 327 -6.49 -12.35 6.41
N VAL A 328 -6.32 -11.56 7.46
CA VAL A 328 -5.32 -11.76 8.54
C VAL A 328 -5.62 -13.03 9.32
N ALA A 329 -6.87 -13.44 9.43
CA ALA A 329 -7.25 -14.70 10.11
C ALA A 329 -7.07 -15.87 9.15
N LEU A 330 -7.38 -15.68 7.87
CA LEU A 330 -7.24 -16.73 6.83
C LEU A 330 -5.77 -17.10 6.65
N LEU A 331 -4.89 -16.11 6.64
CA LEU A 331 -3.55 -16.29 6.02
C LEU A 331 -2.74 -17.39 6.70
N PRO A 332 -2.71 -17.49 8.05
CA PRO A 332 -1.99 -18.59 8.70
C PRO A 332 -2.35 -20.01 8.22
N LYS A 333 -3.52 -20.18 7.57
CA LYS A 333 -4.09 -21.51 7.23
C LYS A 333 -3.69 -21.95 5.82
N VAL A 334 -3.28 -21.01 4.98
CA VAL A 334 -3.06 -21.29 3.53
C VAL A 334 -1.59 -21.65 3.33
N ASP A 335 -1.25 -22.12 2.13
CA ASP A 335 0.14 -22.52 1.76
C ASP A 335 0.71 -21.56 0.73
N LEU A 336 -0.09 -20.59 0.28
CA LEU A 336 0.27 -19.70 -0.84
C LEU A 336 -0.69 -18.52 -0.87
N PHE A 337 -0.23 -17.37 -1.36
CA PHE A 337 -1.06 -16.15 -1.52
C PHE A 337 -0.78 -15.56 -2.89
N ILE A 338 -1.80 -15.55 -3.75
CA ILE A 338 -1.77 -14.91 -5.09
C ILE A 338 -2.29 -13.49 -4.90
N THR A 339 -1.40 -12.51 -4.99
CA THR A 339 -1.65 -11.14 -4.53
C THR A 339 -1.39 -10.13 -5.67
N HIS A 340 -1.96 -8.93 -5.54
CA HIS A 340 -1.67 -7.80 -6.45
C HIS A 340 -0.37 -7.11 -6.03
N GLY A 341 0.19 -7.46 -4.86
CA GLY A 341 1.49 -6.91 -4.39
C GLY A 341 1.33 -5.61 -3.62
N GLY A 342 0.14 -5.31 -3.12
CA GLY A 342 -0.03 -4.21 -2.17
C GLY A 342 0.85 -4.44 -0.95
N SER A 343 1.35 -3.36 -0.38
CA SER A 343 2.29 -3.39 0.76
C SER A 343 1.65 -4.10 1.96
N ASN A 344 0.35 -3.90 2.20
CA ASN A 344 -0.31 -4.43 3.42
C ASN A 344 -0.50 -5.93 3.24
N SER A 345 -0.91 -6.37 2.04
CA SER A 345 -1.06 -7.81 1.74
C SER A 345 0.30 -8.49 1.82
N LEU A 346 1.37 -7.88 1.29
CA LEU A 346 2.75 -8.44 1.37
C LEU A 346 3.15 -8.66 2.85
N ILE A 347 2.99 -7.65 3.69
CA ILE A 347 3.47 -7.69 5.10
C ILE A 347 2.63 -8.71 5.88
N GLU A 348 1.32 -8.70 5.67
CA GLU A 348 0.39 -9.68 6.31
C GLU A 348 0.80 -11.08 5.87
N GLY A 349 1.05 -11.26 4.58
CA GLY A 349 1.48 -12.56 4.02
C GLY A 349 2.76 -13.03 4.67
N LEU A 350 3.76 -12.14 4.73
CA LEU A 350 5.11 -12.51 5.22
C LEU A 350 5.08 -12.77 6.73
N THR A 351 4.29 -12.00 7.48
CA THR A 351 4.08 -12.15 8.94
C THR A 351 3.66 -13.60 9.21
N ALA A 352 2.77 -14.11 8.37
CA ALA A 352 2.13 -15.44 8.51
C ALA A 352 3.02 -16.53 7.89
N GLY A 353 4.11 -16.14 7.21
CA GLY A 353 5.12 -17.08 6.73
C GLY A 353 4.66 -17.80 5.47
N LYS A 354 3.92 -17.13 4.58
CA LYS A 354 3.33 -17.71 3.36
C LYS A 354 4.01 -17.13 2.13
N PRO A 355 4.44 -17.96 1.15
CA PRO A 355 5.00 -17.41 -0.08
C PRO A 355 3.92 -16.76 -0.95
N LEU A 356 4.36 -15.95 -1.92
CA LEU A 356 3.47 -15.05 -2.69
C LEU A 356 3.70 -15.26 -4.19
N ILE A 357 2.61 -15.29 -4.95
CA ILE A 357 2.64 -15.01 -6.41
C ILE A 357 2.02 -13.62 -6.57
N ALA A 358 2.83 -12.66 -6.98
CA ALA A 358 2.46 -11.25 -7.20
C ALA A 358 2.18 -11.01 -8.68
N ILE A 359 0.96 -10.57 -8.95
CA ILE A 359 0.44 -10.10 -10.24
C ILE A 359 0.12 -8.63 -10.05
N PRO A 360 1.11 -7.73 -10.26
CA PRO A 360 0.95 -6.32 -9.96
C PRO A 360 -0.01 -5.60 -10.92
N GLN A 361 -0.79 -4.70 -10.35
CA GLN A 361 -1.92 -4.05 -11.05
C GLN A 361 -1.57 -2.57 -11.26
N PHE A 362 -0.77 -1.96 -10.39
CA PHE A 362 -0.69 -0.48 -10.35
C PHE A 362 0.46 0.00 -9.46
N GLY A 363 1.16 1.01 -9.96
CA GLY A 363 2.08 1.86 -9.19
C GLY A 363 3.15 1.07 -8.47
N ASP A 364 3.24 1.29 -7.16
CA ASP A 364 4.28 0.73 -6.26
C ASP A 364 4.15 -0.79 -6.17
N GLN A 365 3.04 -1.40 -6.63
CA GLN A 365 2.87 -2.89 -6.60
C GLN A 365 3.92 -3.54 -7.50
N LEU A 366 4.30 -2.86 -8.58
CA LEU A 366 5.37 -3.33 -9.51
C LEU A 366 6.65 -3.50 -8.68
N ASP A 367 6.95 -2.56 -7.79
CA ASP A 367 8.19 -2.60 -6.98
C ASP A 367 8.10 -3.73 -5.95
N ASN A 368 6.92 -3.93 -5.37
CA ASN A 368 6.65 -4.99 -4.36
C ASN A 368 6.76 -6.34 -5.05
N ALA A 369 6.14 -6.49 -6.20
CA ALA A 369 6.21 -7.73 -7.02
C ALA A 369 7.67 -8.10 -7.27
N GLN A 370 8.50 -7.14 -7.63
CA GLN A 370 9.87 -7.48 -8.07
C GLN A 370 10.71 -7.77 -6.82
N ARG A 371 10.36 -7.16 -5.69
CA ARG A 371 11.08 -7.38 -4.41
C ARG A 371 10.84 -8.83 -3.94
N ILE A 372 9.60 -9.30 -4.00
CA ILE A 372 9.22 -10.71 -3.73
C ILE A 372 10.12 -11.64 -4.53
N ALA A 373 10.21 -11.44 -5.85
CA ALA A 373 10.98 -12.31 -6.78
C ALA A 373 12.49 -12.19 -6.47
N ASP A 374 13.01 -10.99 -6.29
CA ASP A 374 14.47 -10.76 -6.10
C ASP A 374 14.93 -11.45 -4.81
N LEU A 375 14.10 -11.39 -3.75
CA LEU A 375 14.51 -11.91 -2.42
C LEU A 375 14.07 -13.36 -2.24
N GLY A 376 13.56 -14.02 -3.29
CA GLY A 376 13.19 -15.44 -3.24
C GLY A 376 12.03 -15.69 -2.27
N LEU A 377 11.07 -14.76 -2.23
CA LEU A 377 9.88 -14.84 -1.36
C LEU A 377 8.67 -15.38 -2.17
N GLY A 378 8.90 -15.71 -3.43
CA GLY A 378 7.82 -16.09 -4.37
C GLY A 378 8.14 -15.68 -5.79
N VAL A 379 7.12 -15.50 -6.64
CA VAL A 379 7.36 -15.11 -8.06
C VAL A 379 6.48 -13.91 -8.44
N ARG A 380 6.97 -13.13 -9.39
CA ARG A 380 6.21 -12.10 -10.12
C ARG A 380 5.68 -12.73 -11.40
N LEU A 381 4.40 -12.53 -11.69
CA LEU A 381 3.77 -12.95 -12.96
C LEU A 381 2.93 -11.77 -13.44
N ASN A 382 3.43 -11.06 -14.43
CA ASN A 382 2.82 -9.84 -14.99
C ASN A 382 1.60 -10.19 -15.84
N LEU A 383 0.62 -9.30 -15.84
CA LEU A 383 -0.60 -9.46 -16.65
C LEU A 383 -0.21 -9.61 -18.12
N HIS A 384 0.80 -8.87 -18.57
CA HIS A 384 1.20 -8.76 -20.01
C HIS A 384 1.64 -10.11 -20.57
N GLU A 385 2.36 -10.89 -19.76
CA GLU A 385 2.99 -12.19 -20.12
C GLU A 385 2.15 -13.37 -19.55
N PHE A 386 0.93 -13.10 -19.05
CA PHE A 386 0.12 -14.06 -18.26
C PHE A 386 -0.48 -15.12 -19.18
N SER A 387 -0.39 -16.38 -18.77
CA SER A 387 -1.14 -17.50 -19.38
C SER A 387 -1.56 -18.49 -18.29
N GLY A 388 -2.59 -19.29 -18.57
CA GLY A 388 -2.99 -20.40 -17.71
C GLY A 388 -1.77 -21.21 -17.34
N GLU A 389 -1.11 -21.81 -18.32
CA GLU A 389 0.05 -22.72 -18.10
C GLU A 389 1.05 -22.05 -17.14
N LYS A 390 1.36 -20.76 -17.33
CA LYS A 390 2.38 -20.03 -16.54
C LYS A 390 1.93 -19.88 -15.08
N LEU A 391 0.66 -19.57 -14.86
CA LEU A 391 0.14 -19.43 -13.48
C LEU A 391 0.17 -20.79 -12.78
N LEU A 392 -0.27 -21.86 -13.46
CA LEU A 392 -0.35 -23.24 -12.88
C LEU A 392 1.06 -23.73 -12.53
N LYS A 393 2.05 -23.43 -13.38
CA LYS A 393 3.44 -23.85 -13.16
C LYS A 393 4.04 -23.07 -11.98
N ALA A 394 3.79 -21.76 -11.92
CA ALA A 394 4.26 -20.88 -10.81
C ALA A 394 3.73 -21.42 -9.48
N ILE A 395 2.43 -21.75 -9.45
CA ILE A 395 1.78 -22.39 -8.27
C ILE A 395 2.54 -23.67 -7.93
N GLU A 396 2.78 -24.55 -8.90
CA GLU A 396 3.51 -25.83 -8.66
C GLU A 396 4.93 -25.53 -8.12
N ASP A 397 5.60 -24.53 -8.68
CA ASP A 397 7.01 -24.20 -8.36
C ASP A 397 7.10 -23.69 -6.93
N VAL A 398 6.30 -22.66 -6.60
CA VAL A 398 6.38 -21.96 -5.30
C VAL A 398 6.00 -22.93 -4.18
N LEU A 399 5.07 -23.84 -4.43
CA LEU A 399 4.57 -24.78 -3.38
C LEU A 399 5.63 -25.82 -3.04
N ASN A 400 6.47 -26.26 -3.99
CA ASN A 400 7.54 -27.28 -3.76
C ASN A 400 8.95 -26.72 -3.94
N ASP A 401 9.15 -25.41 -3.73
CA ASP A 401 10.49 -24.77 -3.63
C ASP A 401 10.86 -24.66 -2.16
N GLU A 402 11.79 -25.49 -1.68
CA GLU A 402 12.21 -25.54 -0.25
C GLU A 402 12.91 -24.23 0.15
N LYS A 403 13.58 -23.56 -0.80
CA LYS A 403 14.40 -22.35 -0.55
C LYS A 403 13.48 -21.13 -0.40
N ILE A 404 12.46 -21.01 -1.23
CA ILE A 404 11.43 -19.95 -1.08
C ILE A 404 10.81 -20.07 0.33
N ASN A 405 10.41 -21.27 0.76
CA ASN A 405 9.79 -21.48 2.10
C ASN A 405 10.74 -21.04 3.21
N ALA A 406 12.03 -21.36 3.10
CA ALA A 406 13.08 -21.02 4.10
C ALA A 406 13.28 -19.49 4.20
N ASN A 407 13.27 -18.78 3.07
CA ASN A 407 13.41 -17.30 3.03
C ASN A 407 12.18 -16.67 3.68
N VAL A 408 11.01 -17.17 3.31
CA VAL A 408 9.68 -16.74 3.85
C VAL A 408 9.65 -16.98 5.36
N ALA A 409 10.06 -18.17 5.85
CA ALA A 409 10.14 -18.47 7.30
C ALA A 409 11.09 -17.47 7.97
N ARG A 410 12.22 -17.18 7.34
CA ARG A 410 13.23 -16.21 7.86
C ARG A 410 12.58 -14.84 8.08
N VAL A 411 11.79 -14.32 7.11
CA VAL A 411 11.20 -12.95 7.21
C VAL A 411 10.16 -12.99 8.33
N SER A 412 9.40 -14.09 8.40
CA SER A 412 8.29 -14.27 9.37
C SER A 412 8.82 -14.14 10.80
N GLU A 413 9.99 -14.72 11.07
CA GLU A 413 10.63 -14.70 12.42
C GLU A 413 11.07 -13.27 12.72
N GLU A 414 11.70 -12.59 11.77
CA GLU A 414 12.20 -11.20 11.97
C GLU A 414 11.00 -10.32 12.30
N LEU A 415 9.89 -10.49 11.58
CA LEU A 415 8.68 -9.64 11.74
C LEU A 415 8.06 -9.86 13.12
N LYS A 416 8.11 -11.08 13.65
CA LYS A 416 7.62 -11.43 15.01
C LYS A 416 8.52 -10.77 16.06
N LYS A 417 9.84 -10.70 15.80
CA LYS A 417 10.92 -10.46 16.80
C LYS A 417 11.26 -8.98 16.88
N SER A 418 10.44 -8.10 16.28
CA SER A 418 10.70 -6.65 16.14
C SER A 418 10.44 -5.91 17.46
N ASP A 419 11.31 -4.94 17.74
CA ASP A 419 11.12 -3.85 18.73
C ASP A 419 11.08 -2.52 17.96
N SER A 420 10.92 -2.55 16.64
CA SER A 420 10.74 -1.30 15.88
C SER A 420 9.42 -0.66 16.33
N LYS A 421 8.42 -1.47 16.70
CA LYS A 421 7.15 -0.95 17.25
C LYS A 421 7.44 -0.03 18.44
N ASP A 422 8.20 -0.49 19.43
CA ASP A 422 8.53 0.26 20.68
C ASP A 422 9.34 1.52 20.31
N LYS A 423 10.38 1.36 19.50
CA LYS A 423 11.23 2.47 19.02
C LYS A 423 10.33 3.53 18.35
N VAL A 424 9.45 3.14 17.44
CA VAL A 424 8.64 4.14 16.67
C VAL A 424 7.64 4.82 17.62
N ILE A 425 6.96 4.06 18.47
CA ILE A 425 6.00 4.67 19.43
C ILE A 425 6.73 5.76 20.19
N SER A 426 7.95 5.45 20.68
CA SER A 426 8.76 6.34 21.55
C SER A 426 9.09 7.64 20.82
N LEU A 427 9.56 7.54 19.58
CA LEU A 427 9.87 8.68 18.69
C LEU A 427 8.57 9.48 18.47
N ILE A 428 7.43 8.83 18.24
CA ILE A 428 6.15 9.56 18.09
C ILE A 428 5.86 10.35 19.38
N GLU A 429 5.92 9.71 20.54
CA GLU A 429 5.59 10.34 21.85
C GLU A 429 6.56 11.49 22.14
N LYS A 430 7.85 11.23 22.03
CA LYS A 430 8.96 12.20 22.20
C LYS A 430 8.71 13.39 21.28
N LEU A 431 8.44 13.17 20.01
CA LEU A 431 8.23 14.32 19.09
C LEU A 431 7.01 15.13 19.55
N ALA A 432 5.91 14.47 19.93
CA ALA A 432 4.66 15.11 20.40
C ALA A 432 4.94 16.00 21.60
N ARG A 433 5.86 15.59 22.48
CA ARG A 433 6.11 16.25 23.77
C ARG A 433 7.09 17.40 23.59
N ASP A 434 8.22 17.17 22.93
CA ASP A 434 9.36 18.12 22.91
C ASP A 434 9.25 19.08 21.72
N LYS A 435 8.40 18.73 20.73
CA LYS A 435 8.30 19.43 19.41
C LYS A 435 9.63 19.28 18.64
N LYS A 436 10.58 18.50 19.17
CA LYS A 436 11.86 18.15 18.50
C LYS A 436 12.20 16.70 18.85
N LEU A 437 13.15 16.11 18.13
CA LEU A 437 13.56 14.70 18.35
C LEU A 437 14.96 14.69 19.00
#